data_5ZZT
#
_entry.id   5ZZT
#
_cell.length_a   137.738
_cell.length_b   137.738
_cell.length_c   111.788
_cell.angle_alpha   90.00
_cell.angle_beta   90.00
_cell.angle_gamma   90.00
#
_symmetry.space_group_name_H-M   'I 4 2 2'
#
loop_
_entity.id
_entity.type
_entity.pdbx_description
1 polymer '4-hydroxymandelate oxidase'
2 non-polymer 'FLAVIN MONONUCLEOTIDE'
3 non-polymer '(2R)-3,3-difluoro-2-hydroxy-3-phenylpropanoic acid'
4 water water
#
_entity_poly.entity_id   1
_entity_poly.type   'polypeptide(L)'
_entity_poly.pdbx_seq_one_letter_code
;MGSSHHHHHHSSGLVPRGSHMTYVSLADLERAARDVLPGEIFDFLAGGSGTEASLVANRTALERVFVIPRMLRDLTDVTT
EIDIFGRRAALPMAVAPVAYQRLFHPEGELAVARAARDAGVPYTICTLSSVSLEEIAAVGGRPWFQLYWLRDEKRSLDLV
RRAEDAGCEAIVFTVDVPWMGRRLRDMRNGFALPEWVTAANFDAGTAAHRRTQGVSAVADHTAREFAPATWESVEAVRAH
TDLPVVLKGILAVEDARRAVDAGAGGIVVSNHGGRQLDGAVPGIEMLGEIVAAVSGGCEVLVDGGIRSGGDVLKATALGA
SAVLVGRPVMWALAAAGQDGVRQLLELLAEEVRDAMGLAGCESVGAARRLNTKLGVV
;
_entity_poly.pdbx_strand_id   A
#
loop_
_chem_comp.id
_chem_comp.type
_chem_comp.name
_chem_comp.formula
9NL non-polymer '(2R)-3,3-difluoro-2-hydroxy-3-phenylpropanoic acid' 'C9 H8 F2 O3'
FMN non-polymer 'FLAVIN MONONUCLEOTIDE' 'C17 H21 N4 O9 P'
#
# COMPACT_ATOMS: atom_id res chain seq x y z
N TYR A 23 -3.65 22.52 -1.07
CA TYR A 23 -3.08 21.51 -1.94
C TYR A 23 -4.10 21.06 -2.99
N VAL A 24 -3.74 21.23 -4.27
CA VAL A 24 -4.64 20.81 -5.34
C VAL A 24 -4.15 19.52 -6.02
N SER A 25 -2.97 19.05 -5.60
CA SER A 25 -2.41 17.78 -6.08
C SER A 25 -1.46 17.17 -5.03
N LEU A 26 -1.15 15.89 -5.20
CA LEU A 26 -0.25 15.20 -4.28
C LEU A 26 1.17 15.72 -4.40
N ALA A 27 1.49 16.29 -5.55
CA ALA A 27 2.83 16.83 -5.80
C ALA A 27 3.11 18.08 -5.00
N ASP A 28 2.04 18.77 -4.59
CA ASP A 28 2.17 19.94 -3.73
C ASP A 28 2.82 19.55 -2.40
N LEU A 29 2.46 18.37 -1.91
CA LEU A 29 2.89 17.95 -0.57
C LEU A 29 4.34 17.48 -0.52
N GLU A 30 4.85 16.92 -1.62
N GLU A 30 4.86 16.94 -1.63
CA GLU A 30 6.22 16.43 -1.66
CA GLU A 30 6.22 16.43 -1.61
C GLU A 30 7.19 17.59 -1.44
C GLU A 30 7.21 17.58 -1.47
N ARG A 31 6.86 18.75 -1.99
CA ARG A 31 7.71 19.93 -1.89
C ARG A 31 7.84 20.37 -0.44
N ALA A 32 6.69 20.48 0.21
CA ALA A 32 6.62 20.83 1.62
C ALA A 32 7.39 19.83 2.47
N ALA A 33 7.24 18.54 2.16
CA ALA A 33 7.97 17.53 2.90
C ALA A 33 9.49 17.65 2.70
N ARG A 34 9.90 17.96 1.48
N ARG A 34 9.93 17.96 1.49
CA ARG A 34 11.33 18.09 1.18
CA ARG A 34 11.36 18.07 1.24
C ARG A 34 11.93 19.26 1.96
C ARG A 34 11.95 19.27 1.98
N ASP A 35 11.15 20.33 2.11
CA ASP A 35 11.59 21.52 2.84
C ASP A 35 11.81 21.23 4.32
N VAL A 36 10.89 20.50 4.94
CA VAL A 36 10.93 20.34 6.39
C VAL A 36 11.81 19.18 6.87
N LEU A 37 11.90 18.10 6.10
CA LEU A 37 12.62 16.93 6.56
C LEU A 37 14.13 17.05 6.39
N PRO A 38 14.89 16.54 7.38
CA PRO A 38 16.33 16.34 7.19
C PRO A 38 16.57 15.55 5.91
N GLY A 39 17.60 15.91 5.16
CA GLY A 39 17.85 15.28 3.87
C GLY A 39 17.94 13.76 3.93
N GLU A 40 18.57 13.22 4.96
CA GLU A 40 18.78 11.78 4.99
C GLU A 40 17.47 11.07 5.28
N ILE A 41 16.56 11.75 5.98
CA ILE A 41 15.23 11.17 6.22
C ILE A 41 14.37 11.30 4.96
N PHE A 42 14.44 12.42 4.26
CA PHE A 42 13.75 12.50 2.98
C PHE A 42 14.25 11.41 2.03
N ASP A 43 15.56 11.14 2.06
CA ASP A 43 16.13 10.12 1.18
C ASP A 43 15.69 8.73 1.58
N PHE A 44 15.57 8.46 2.88
CA PHE A 44 15.07 7.18 3.36
C PHE A 44 13.68 6.95 2.80
N LEU A 45 12.88 8.01 2.78
CA LEU A 45 11.50 7.96 2.31
C LEU A 45 11.41 7.83 0.78
N ALA A 46 12.15 8.68 0.06
CA ALA A 46 12.01 8.78 -1.39
C ALA A 46 12.71 7.66 -2.13
N GLY A 47 13.78 7.15 -1.57
CA GLY A 47 14.69 6.28 -2.30
C GLY A 47 14.20 4.89 -2.64
N GLY A 48 14.99 4.25 -3.49
CA GLY A 48 14.75 2.86 -3.87
C GLY A 48 16.06 2.11 -3.78
N SER A 49 16.05 0.86 -4.21
CA SER A 49 17.26 0.07 -4.21
C SER A 49 18.06 0.27 -5.49
N GLY A 50 19.35 -0.04 -5.43
CA GLY A 50 20.19 -0.03 -6.61
C GLY A 50 20.17 1.27 -7.39
N THR A 51 19.92 1.18 -8.69
CA THR A 51 19.87 2.36 -9.54
C THR A 51 18.52 3.05 -9.54
N GLU A 52 17.59 2.53 -8.74
CA GLU A 52 16.21 3.06 -8.66
C GLU A 52 15.46 2.90 -9.97
N ALA A 53 15.84 1.88 -10.75
CA ALA A 53 15.13 1.57 -11.97
C ALA A 53 13.67 1.20 -11.72
N SER A 54 13.42 0.40 -10.69
CA SER A 54 12.06 -0.05 -10.41
C SER A 54 11.22 1.07 -9.81
N LEU A 55 11.86 1.93 -9.02
CA LEU A 55 11.21 3.12 -8.47
C LEU A 55 10.66 4.01 -9.61
N VAL A 56 11.53 4.29 -10.59
CA VAL A 56 11.12 5.11 -11.71
C VAL A 56 10.08 4.38 -12.56
N ALA A 57 10.29 3.08 -12.76
CA ALA A 57 9.37 2.34 -13.61
C ALA A 57 7.95 2.29 -13.05
N ASN A 58 7.79 2.36 -11.72
CA ASN A 58 6.44 2.39 -11.19
C ASN A 58 5.66 3.58 -11.73
N ARG A 59 6.33 4.72 -11.82
CA ARG A 59 5.67 5.88 -12.38
C ARG A 59 5.51 5.80 -13.88
N THR A 60 6.56 5.37 -14.59
N THR A 60 6.53 5.34 -14.60
CA THR A 60 6.50 5.21 -16.04
CA THR A 60 6.44 5.35 -16.04
C THR A 60 5.32 4.37 -16.42
C THR A 60 5.40 4.31 -16.51
N ALA A 61 5.20 3.23 -15.75
CA ALA A 61 4.20 2.25 -16.08
C ALA A 61 2.79 2.83 -15.92
N LEU A 62 2.53 3.60 -14.85
CA LEU A 62 1.22 4.21 -14.66
C LEU A 62 0.95 5.26 -15.72
N GLU A 63 1.98 6.01 -16.08
CA GLU A 63 1.80 7.09 -17.06
C GLU A 63 1.52 6.56 -18.46
N ARG A 64 1.86 5.32 -18.74
CA ARG A 64 1.60 4.72 -20.04
C ARG A 64 0.17 4.21 -20.19
N VAL A 65 -0.54 4.08 -19.07
CA VAL A 65 -1.91 3.56 -19.08
C VAL A 65 -2.89 4.68 -19.36
N PHE A 66 -3.75 4.48 -20.36
CA PHE A 66 -4.85 5.42 -20.59
C PHE A 66 -6.16 4.70 -20.42
N VAL A 67 -7.14 5.41 -19.86
CA VAL A 67 -8.47 4.87 -19.64
C VAL A 67 -9.37 5.19 -20.82
N ILE A 68 -10.25 4.28 -21.18
CA ILE A 68 -11.28 4.52 -22.17
C ILE A 68 -12.59 4.77 -21.40
N PRO A 69 -12.93 6.05 -21.16
CA PRO A 69 -14.12 6.35 -20.35
C PRO A 69 -15.42 6.05 -21.06
N ARG A 70 -16.46 5.76 -20.30
CA ARG A 70 -17.79 5.61 -20.81
C ARG A 70 -18.59 6.88 -20.54
N MET A 71 -19.54 7.15 -21.42
CA MET A 71 -20.36 8.35 -21.30
C MET A 71 -21.82 8.03 -21.08
N LEU A 72 -22.55 9.03 -20.58
CA LEU A 72 -24.01 9.02 -20.60
C LEU A 72 -24.64 7.97 -19.68
N ARG A 73 -23.89 7.57 -18.67
CA ARG A 73 -24.33 6.64 -17.63
CA ARG A 73 -24.43 6.63 -17.69
C ARG A 73 -24.96 7.39 -16.47
N ASP A 74 -25.85 6.71 -15.74
CA ASP A 74 -26.46 7.31 -14.56
C ASP A 74 -25.42 7.53 -13.47
N LEU A 75 -25.26 8.78 -13.07
CA LEU A 75 -24.32 9.16 -12.02
C LEU A 75 -25.06 9.82 -10.85
N THR A 76 -26.31 9.45 -10.64
CA THR A 76 -27.08 10.11 -9.59
C THR A 76 -26.55 9.77 -8.21
N ASP A 77 -26.04 8.55 -8.03
CA ASP A 77 -25.48 8.17 -6.73
C ASP A 77 -24.08 7.55 -6.84
N VAL A 78 -23.15 8.33 -7.36
CA VAL A 78 -21.76 7.85 -7.47
C VAL A 78 -21.25 7.54 -6.08
N THR A 79 -20.68 6.35 -5.90
CA THR A 79 -20.06 6.01 -4.62
C THR A 79 -18.69 5.42 -4.86
N THR A 80 -17.72 5.89 -4.07
CA THR A 80 -16.36 5.38 -4.13
C THR A 80 -16.13 4.27 -3.10
N GLU A 81 -17.18 3.82 -2.43
CA GLU A 81 -17.02 2.83 -1.36
C GLU A 81 -16.77 1.44 -1.90
N ILE A 82 -16.08 0.64 -1.10
CA ILE A 82 -15.92 -0.78 -1.41
C ILE A 82 -16.11 -1.56 -0.13
N ASP A 83 -16.37 -2.84 -0.26
CA ASP A 83 -16.32 -3.77 0.86
C ASP A 83 -15.08 -4.61 0.68
N ILE A 84 -14.24 -4.67 1.71
CA ILE A 84 -13.05 -5.48 1.61
C ILE A 84 -12.69 -6.03 2.98
N PHE A 85 -12.35 -7.31 3.02
CA PHE A 85 -12.00 -8.03 4.26
C PHE A 85 -13.05 -7.78 5.34
N GLY A 86 -14.31 -7.79 4.92
CA GLY A 86 -15.44 -7.75 5.84
C GLY A 86 -15.84 -6.37 6.32
N ARG A 87 -15.25 -5.33 5.74
CA ARG A 87 -15.55 -3.98 6.19
C ARG A 87 -15.74 -3.04 5.01
N ARG A 88 -16.63 -2.08 5.17
CA ARG A 88 -16.79 -1.03 4.19
C ARG A 88 -15.60 -0.10 4.32
N ALA A 89 -15.07 0.37 3.20
CA ALA A 89 -14.05 1.42 3.17
C ALA A 89 -14.58 2.54 2.30
N ALA A 90 -14.20 3.78 2.61
CA ALA A 90 -14.76 4.94 1.92
C ALA A 90 -14.25 5.10 0.50
N LEU A 91 -13.08 4.52 0.23
CA LEU A 91 -12.37 4.60 -1.05
C LEU A 91 -11.78 3.23 -1.32
N PRO A 92 -11.45 2.92 -2.58
CA PRO A 92 -10.69 1.69 -2.87
C PRO A 92 -9.20 1.90 -2.61
N MET A 93 -8.88 2.21 -1.36
CA MET A 93 -7.53 2.60 -0.98
CA MET A 93 -7.55 2.64 -0.98
C MET A 93 -7.29 2.34 0.49
N ALA A 94 -6.06 1.98 0.83
CA ALA A 94 -5.63 1.89 2.22
C ALA A 94 -4.26 2.57 2.31
N VAL A 95 -3.89 3.01 3.52
CA VAL A 95 -2.56 3.50 3.74
C VAL A 95 -1.58 2.34 3.79
N ALA A 96 -0.56 2.38 2.92
CA ALA A 96 0.45 1.32 2.87
C ALA A 96 1.20 1.24 4.19
N PRO A 97 1.74 0.06 4.53
CA PRO A 97 2.67 -0.02 5.66
C PRO A 97 3.93 0.77 5.37
N VAL A 98 4.26 1.71 6.27
CA VAL A 98 5.50 2.45 6.19
C VAL A 98 6.15 2.44 7.56
N ALA A 99 7.33 1.86 7.68
CA ALA A 99 7.98 1.72 8.98
C ALA A 99 8.34 3.07 9.60
N TYR A 100 8.34 3.11 10.94
CA TYR A 100 8.99 4.21 11.70
C TYR A 100 8.46 5.61 11.34
N GLN A 101 7.15 5.81 11.47
CA GLN A 101 6.56 7.05 11.00
C GLN A 101 6.93 8.27 11.87
N ARG A 102 7.45 8.04 13.07
CA ARG A 102 7.96 9.17 13.88
C ARG A 102 9.17 9.80 13.24
N LEU A 103 9.77 9.13 12.26
CA LEU A 103 10.82 9.77 11.49
C LEU A 103 10.32 11.05 10.83
N PHE A 104 9.02 11.10 10.51
CA PHE A 104 8.50 12.16 9.65
C PHE A 104 7.72 13.25 10.41
N HIS A 105 7.27 12.91 11.62
CA HIS A 105 6.48 13.83 12.44
C HIS A 105 6.44 13.27 13.85
N PRO A 106 6.46 14.15 14.87
CA PRO A 106 6.47 13.62 16.25
C PRO A 106 5.29 12.73 16.61
N GLU A 107 4.12 12.94 16.00
CA GLU A 107 2.96 12.12 16.34
C GLU A 107 2.96 10.81 15.56
N GLY A 108 3.82 10.73 14.53
CA GLY A 108 4.03 9.49 13.78
C GLY A 108 2.75 8.75 13.43
N GLU A 109 2.74 7.46 13.74
CA GLU A 109 1.63 6.61 13.37
C GLU A 109 0.29 7.06 13.92
N LEU A 110 0.28 7.70 15.10
CA LEU A 110 -1.01 8.12 15.65
C LEU A 110 -1.68 9.16 14.77
N ALA A 111 -0.90 10.10 14.27
CA ALA A 111 -1.43 11.14 13.40
C ALA A 111 -2.02 10.52 12.12
N VAL A 112 -1.27 9.58 11.55
CA VAL A 112 -1.74 9.00 10.29
C VAL A 112 -2.98 8.14 10.52
N ALA A 113 -2.97 7.36 11.59
CA ALA A 113 -4.07 6.45 11.87
C ALA A 113 -5.37 7.23 12.18
N ARG A 114 -5.22 8.35 12.89
CA ARG A 114 -6.38 9.19 13.19
C ARG A 114 -7.02 9.76 11.91
N ALA A 115 -6.16 10.27 11.04
CA ALA A 115 -6.66 10.82 9.76
C ALA A 115 -7.30 9.71 8.88
N ALA A 116 -6.66 8.54 8.83
CA ALA A 116 -7.23 7.42 8.08
C ALA A 116 -8.56 7.01 8.63
N ARG A 117 -8.66 6.88 9.96
CA ARG A 117 -9.93 6.59 10.58
C ARG A 117 -11.02 7.59 10.19
N ASP A 118 -10.67 8.87 10.29
CA ASP A 118 -11.67 9.91 10.04
C ASP A 118 -12.11 9.89 8.58
N ALA A 119 -11.20 9.49 7.68
CA ALA A 119 -11.49 9.42 6.24
C ALA A 119 -12.16 8.11 5.83
N GLY A 120 -12.25 7.14 6.73
CA GLY A 120 -12.86 5.88 6.39
C GLY A 120 -11.97 4.96 5.56
N VAL A 121 -10.67 5.15 5.69
CA VAL A 121 -9.63 4.44 4.92
CA VAL A 121 -9.83 4.23 4.94
C VAL A 121 -8.92 3.46 5.86
N PRO A 122 -8.72 2.19 5.50
CA PRO A 122 -7.88 1.34 6.37
C PRO A 122 -6.47 1.84 6.47
N TYR A 123 -5.91 1.66 7.66
CA TYR A 123 -4.54 2.01 8.00
C TYR A 123 -3.75 0.75 8.31
N THR A 124 -2.59 0.57 7.70
CA THR A 124 -1.79 -0.63 7.94
C THR A 124 -0.73 -0.34 9.02
N ILE A 125 -0.94 -0.95 10.17
CA ILE A 125 0.04 -0.87 11.28
C ILE A 125 1.23 -1.76 10.98
N CYS A 126 2.43 -1.22 11.08
CA CYS A 126 3.64 -1.97 10.77
C CYS A 126 4.23 -2.77 11.91
N THR A 127 4.83 -3.91 11.61
CA THR A 127 5.69 -4.59 12.57
C THR A 127 6.75 -3.63 13.11
N LEU A 128 7.33 -2.80 12.27
CA LEU A 128 8.36 -1.84 12.67
C LEU A 128 7.76 -0.46 12.91
N SER A 129 6.60 -0.45 13.56
CA SER A 129 6.01 0.85 13.93
C SER A 129 6.79 1.50 15.08
N SER A 130 6.80 2.84 15.07
CA SER A 130 7.49 3.59 16.13
C SER A 130 6.56 3.96 17.29
N VAL A 131 5.32 3.52 17.21
CA VAL A 131 4.33 3.56 18.30
C VAL A 131 3.76 2.14 18.37
N SER A 132 3.46 1.61 19.55
CA SER A 132 3.05 0.22 19.64
C SER A 132 1.75 -0.05 18.90
N LEU A 133 1.62 -1.27 18.37
CA LEU A 133 0.44 -1.60 17.59
C LEU A 133 -0.84 -1.44 18.42
N GLU A 134 -0.75 -1.68 19.74
CA GLU A 134 -1.95 -1.54 20.56
C GLU A 134 -2.40 -0.09 20.68
N GLU A 135 -1.42 0.81 20.84
CA GLU A 135 -1.75 2.25 20.88
C GLU A 135 -2.38 2.69 19.56
N ILE A 136 -1.78 2.25 18.44
CA ILE A 136 -2.32 2.69 17.16
C ILE A 136 -3.71 2.08 16.95
N ALA A 137 -3.91 0.81 17.31
CA ALA A 137 -5.22 0.19 17.17
C ALA A 137 -6.28 0.91 18.01
N ALA A 138 -5.85 1.43 19.17
CA ALA A 138 -6.78 2.11 20.07
C ALA A 138 -7.37 3.38 19.46
N VAL A 139 -6.71 3.93 18.46
CA VAL A 139 -7.26 5.04 17.70
C VAL A 139 -8.62 4.70 17.08
N GLY A 140 -8.82 3.43 16.76
CA GLY A 140 -10.05 2.98 16.13
C GLY A 140 -9.87 2.84 14.63
N GLY A 141 -10.95 3.03 13.89
CA GLY A 141 -10.89 2.93 12.44
C GLY A 141 -10.83 1.49 12.00
N ARG A 142 -10.19 1.30 10.86
CA ARG A 142 -10.04 -0.03 10.29
C ARG A 142 -8.59 -0.45 10.27
N PRO A 143 -8.02 -0.85 11.43
CA PRO A 143 -6.60 -1.12 11.30
C PRO A 143 -6.33 -2.52 10.74
N TRP A 144 -5.36 -2.54 9.82
CA TRP A 144 -4.74 -3.80 9.39
C TRP A 144 -3.39 -3.90 10.06
N PHE A 145 -2.78 -5.08 10.06
CA PHE A 145 -1.46 -5.25 10.63
C PHE A 145 -0.52 -5.91 9.64
N GLN A 146 0.61 -5.28 9.40
CA GLN A 146 1.63 -5.80 8.50
C GLN A 146 2.64 -6.59 9.30
N LEU A 147 2.90 -7.81 8.83
CA LEU A 147 3.80 -8.73 9.50
C LEU A 147 5.11 -8.88 8.73
N TYR A 148 6.23 -8.70 9.41
CA TYR A 148 7.53 -9.21 8.97
C TYR A 148 7.81 -10.48 9.78
N TRP A 149 8.20 -11.53 9.08
CA TRP A 149 8.52 -12.81 9.69
C TRP A 149 9.75 -12.70 10.58
N LEU A 150 9.60 -13.20 11.80
CA LEU A 150 10.69 -13.12 12.79
C LEU A 150 11.52 -14.40 12.83
N ARG A 151 12.74 -14.27 13.36
CA ARG A 151 13.59 -15.40 13.78
C ARG A 151 12.92 -16.76 14.07
N ASP A 152 11.77 -16.70 14.73
CA ASP A 152 11.06 -17.87 15.22
C ASP A 152 9.57 -17.84 14.90
N GLU A 153 9.01 -18.99 14.57
CA GLU A 153 7.58 -19.08 14.34
C GLU A 153 6.75 -18.60 15.54
N LYS A 154 7.15 -18.95 16.75
CA LYS A 154 6.34 -18.62 17.91
C LYS A 154 6.26 -17.11 18.15
N ARG A 155 7.35 -16.38 17.96
CA ARG A 155 7.27 -14.95 18.21
C ARG A 155 6.54 -14.25 17.07
N SER A 156 6.69 -14.76 15.85
CA SER A 156 5.96 -14.24 14.70
CA SER A 156 5.96 -14.18 14.74
C SER A 156 4.47 -14.34 14.96
N LEU A 157 4.07 -15.52 15.42
CA LEU A 157 2.67 -15.78 15.66
C LEU A 157 2.19 -14.95 16.85
N ASP A 158 3.10 -14.57 17.76
CA ASP A 158 2.70 -13.72 18.90
C ASP A 158 2.31 -12.32 18.42
N LEU A 159 3.04 -11.79 17.44
CA LEU A 159 2.70 -10.48 16.89
C LEU A 159 1.34 -10.58 16.24
N VAL A 160 1.13 -11.68 15.52
CA VAL A 160 -0.14 -11.86 14.86
C VAL A 160 -1.26 -11.89 15.90
N ARG A 161 -1.05 -12.63 16.98
CA ARG A 161 -2.06 -12.74 18.02
C ARG A 161 -2.29 -11.38 18.69
N ARG A 162 -1.23 -10.62 18.96
CA ARG A 162 -1.37 -9.27 19.48
C ARG A 162 -2.22 -8.41 18.59
N ALA A 163 -1.93 -8.49 17.29
CA ALA A 163 -2.67 -7.67 16.34
C ALA A 163 -4.14 -8.03 16.36
N GLU A 164 -4.43 -9.32 16.34
CA GLU A 164 -5.81 -9.77 16.33
C GLU A 164 -6.52 -9.37 17.64
N ASP A 165 -5.84 -9.56 18.77
CA ASP A 165 -6.42 -9.18 20.08
C ASP A 165 -6.73 -7.71 20.13
N ALA A 166 -5.92 -6.89 19.46
CA ALA A 166 -6.08 -5.43 19.50
C ALA A 166 -7.11 -4.92 18.51
N GLY A 167 -7.69 -5.81 17.71
CA GLY A 167 -8.76 -5.44 16.81
C GLY A 167 -8.35 -5.21 15.36
N CYS A 168 -7.14 -5.63 14.99
CA CYS A 168 -6.75 -5.51 13.57
C CYS A 168 -7.60 -6.48 12.76
N GLU A 169 -7.88 -6.13 11.52
N GLU A 169 -7.88 -6.11 11.53
CA GLU A 169 -8.87 -6.88 10.75
CA GLU A 169 -8.87 -6.82 10.74
C GLU A 169 -8.31 -7.62 9.56
C GLU A 169 -8.25 -7.77 9.71
N ALA A 170 -7.00 -7.52 9.34
CA ALA A 170 -6.33 -8.30 8.29
C ALA A 170 -4.88 -8.37 8.66
N ILE A 171 -4.21 -9.46 8.26
CA ILE A 171 -2.78 -9.57 8.42
C ILE A 171 -2.14 -9.43 7.04
N VAL A 172 -1.37 -8.36 6.87
CA VAL A 172 -0.69 -8.10 5.61
C VAL A 172 0.72 -8.64 5.78
N PHE A 173 0.93 -9.86 5.28
CA PHE A 173 2.20 -10.57 5.45
C PHE A 173 3.11 -10.10 4.29
N THR A 174 4.17 -9.39 4.57
CA THR A 174 5.06 -8.90 3.52
C THR A 174 6.00 -10.03 3.13
N VAL A 175 5.97 -10.38 1.83
CA VAL A 175 6.66 -11.58 1.36
C VAL A 175 7.82 -11.27 0.43
N ASP A 176 8.18 -10.00 0.25
CA ASP A 176 9.24 -9.67 -0.70
C ASP A 176 10.49 -9.13 -0.03
N VAL A 177 10.59 -9.37 1.28
CA VAL A 177 11.73 -8.91 2.07
C VAL A 177 12.34 -10.07 2.83
N PRO A 178 12.96 -11.02 2.12
CA PRO A 178 13.76 -12.00 2.88
C PRO A 178 14.88 -11.29 3.63
N TRP A 179 15.35 -10.19 3.06
CA TRP A 179 16.21 -9.23 3.72
C TRP A 179 15.95 -7.91 3.05
N MET A 180 16.40 -6.84 3.67
CA MET A 180 16.22 -5.50 3.12
CA MET A 180 16.19 -5.51 3.11
C MET A 180 17.07 -5.30 1.87
N GLY A 181 16.50 -4.65 0.86
CA GLY A 181 17.25 -4.34 -0.33
C GLY A 181 18.41 -3.38 -0.10
N ARG A 182 19.20 -3.17 -1.14
N ARG A 182 19.24 -3.19 -1.11
CA ARG A 182 20.38 -2.29 -1.07
CA ARG A 182 20.40 -2.34 -0.97
C ARG A 182 20.00 -0.85 -1.38
C ARG A 182 20.04 -0.91 -1.33
N ARG A 183 19.84 -0.08 -0.31
CA ARG A 183 19.40 1.31 -0.42
CA ARG A 183 19.40 1.29 -0.55
C ARG A 183 20.61 2.23 -0.54
N LEU A 184 21.02 2.59 -1.75
CA LEU A 184 22.28 3.30 -1.92
C LEU A 184 22.23 4.70 -1.35
N ARG A 185 21.07 5.33 -1.36
CA ARG A 185 20.97 6.65 -0.72
C ARG A 185 21.30 6.52 0.75
N ASP A 186 20.76 5.49 1.39
CA ASP A 186 20.96 5.29 2.83
C ASP A 186 22.42 5.00 3.11
N MET A 187 23.04 4.23 2.21
N MET A 187 23.04 4.22 2.23
CA MET A 187 24.43 3.85 2.37
CA MET A 187 24.45 3.88 2.38
C MET A 187 25.36 5.04 2.20
C MET A 187 25.32 5.12 2.26
N ARG A 188 25.07 5.90 1.23
CA ARG A 188 25.87 7.09 1.00
CA ARG A 188 25.83 7.12 0.97
C ARG A 188 25.66 8.12 2.12
N ASN A 189 24.45 8.18 2.66
CA ASN A 189 24.15 9.10 3.76
C ASN A 189 24.62 8.58 5.11
N GLY A 190 25.00 7.31 5.16
CA GLY A 190 25.27 6.64 6.42
C GLY A 190 24.05 6.70 7.33
N PHE A 191 22.87 6.53 6.74
CA PHE A 191 21.62 6.68 7.47
C PHE A 191 21.43 5.60 8.53
N ALA A 192 21.05 6.03 9.72
CA ALA A 192 20.65 5.11 10.77
C ALA A 192 19.48 5.72 11.53
N LEU A 193 18.67 4.87 12.15
CA LEU A 193 17.61 5.34 13.02
C LEU A 193 18.16 6.25 14.09
N PRO A 194 17.60 7.45 14.21
CA PRO A 194 17.94 8.30 15.35
C PRO A 194 17.54 7.60 16.64
N GLU A 195 18.19 7.96 17.74
CA GLU A 195 17.93 7.25 18.99
C GLU A 195 16.53 7.54 19.52
N TRP A 196 15.90 8.60 19.02
CA TRP A 196 14.55 8.95 19.48
C TRP A 196 13.45 8.21 18.71
N VAL A 197 13.84 7.30 17.82
CA VAL A 197 12.88 6.44 17.14
C VAL A 197 13.19 5.00 17.47
N THR A 198 12.19 4.25 17.94
CA THR A 198 12.40 2.84 18.23
C THR A 198 11.34 1.95 17.58
N ALA A 199 11.66 0.66 17.48
CA ALA A 199 10.68 -0.35 17.08
C ALA A 199 9.82 -0.67 18.29
N ALA A 200 8.72 0.06 18.41
CA ALA A 200 7.93 0.06 19.63
C ALA A 200 7.20 -1.25 19.93
N ASN A 201 7.08 -2.16 18.95
CA ASN A 201 6.46 -3.44 19.22
C ASN A 201 7.37 -4.44 19.89
N PHE A 202 8.65 -4.06 20.03
CA PHE A 202 9.67 -4.95 20.60
C PHE A 202 10.24 -4.43 21.92
N PHE A 226 14.78 -11.20 12.54
CA PHE A 226 14.01 -11.42 11.32
C PHE A 226 14.61 -12.51 10.43
N ALA A 227 13.73 -13.32 9.82
CA ALA A 227 14.15 -14.38 8.92
C ALA A 227 13.33 -14.38 7.64
N PRO A 228 13.88 -14.94 6.55
CA PRO A 228 13.11 -15.07 5.31
C PRO A 228 11.84 -15.92 5.48
N ALA A 229 10.72 -15.40 5.00
CA ALA A 229 9.47 -16.15 5.02
C ALA A 229 9.40 -17.14 3.85
N THR A 230 8.70 -18.24 4.06
CA THR A 230 8.40 -19.20 3.02
C THR A 230 6.91 -19.52 3.00
N TRP A 231 6.49 -20.36 2.06
CA TRP A 231 5.12 -20.80 2.04
C TRP A 231 4.72 -21.52 3.33
N GLU A 232 5.69 -22.16 3.99
CA GLU A 232 5.41 -22.76 5.28
CA GLU A 232 5.47 -22.75 5.29
C GLU A 232 5.04 -21.69 6.32
N SER A 233 5.72 -20.55 6.26
CA SER A 233 5.41 -19.44 7.17
C SER A 233 3.99 -18.95 6.93
N VAL A 234 3.61 -18.82 5.67
CA VAL A 234 2.24 -18.41 5.34
C VAL A 234 1.21 -19.35 5.95
N GLU A 235 1.46 -20.66 5.85
CA GLU A 235 0.53 -21.62 6.39
C GLU A 235 0.49 -21.52 7.91
N ALA A 236 1.64 -21.27 8.53
CA ALA A 236 1.66 -21.13 9.99
C ALA A 236 0.78 -19.95 10.40
N VAL A 237 0.89 -18.84 9.68
CA VAL A 237 0.08 -17.67 9.99
C VAL A 237 -1.40 -17.95 9.75
N ARG A 238 -1.72 -18.53 8.59
CA ARG A 238 -3.11 -18.85 8.22
C ARG A 238 -3.78 -19.74 9.25
N ALA A 239 -3.02 -20.67 9.83
CA ALA A 239 -3.58 -21.61 10.79
C ALA A 239 -3.77 -20.97 12.16
N HIS A 240 -3.11 -19.83 12.38
CA HIS A 240 -3.02 -19.20 13.70
C HIS A 240 -4.05 -18.07 13.86
N THR A 241 -4.73 -17.71 12.78
CA THR A 241 -5.68 -16.61 12.84
C THR A 241 -6.89 -16.84 11.97
N ASP A 242 -8.02 -16.25 12.37
CA ASP A 242 -9.22 -16.26 11.55
C ASP A 242 -9.24 -15.04 10.62
N LEU A 243 -8.31 -14.13 10.84
CA LEU A 243 -8.25 -12.92 10.01
C LEU A 243 -7.81 -13.25 8.59
N PRO A 244 -8.28 -12.49 7.61
CA PRO A 244 -7.74 -12.71 6.26
C PRO A 244 -6.25 -12.41 6.20
N VAL A 245 -5.50 -13.28 5.52
CA VAL A 245 -4.09 -13.10 5.33
C VAL A 245 -3.89 -12.56 3.92
N VAL A 246 -3.15 -11.47 3.83
CA VAL A 246 -2.93 -10.78 2.58
C VAL A 246 -1.45 -10.80 2.29
N LEU A 247 -1.03 -11.38 1.15
CA LEU A 247 0.40 -11.48 0.85
C LEU A 247 0.85 -10.27 0.04
N LYS A 248 1.72 -9.47 0.63
CA LYS A 248 2.14 -8.22 -0.01
C LYS A 248 3.51 -8.40 -0.66
N GLY A 249 3.62 -8.09 -1.95
CA GLY A 249 4.86 -8.23 -2.69
C GLY A 249 4.83 -9.33 -3.72
N ILE A 250 3.66 -9.72 -4.19
CA ILE A 250 3.54 -10.75 -5.23
C ILE A 250 3.68 -10.09 -6.60
N LEU A 251 4.53 -10.67 -7.47
CA LEU A 251 4.62 -10.21 -8.85
C LEU A 251 4.45 -11.32 -9.89
N ALA A 252 4.82 -12.55 -9.56
CA ALA A 252 4.71 -13.65 -10.53
C ALA A 252 3.29 -14.20 -10.55
N VAL A 253 2.76 -14.46 -11.74
CA VAL A 253 1.42 -14.98 -11.85
C VAL A 253 1.28 -16.28 -11.07
N GLU A 254 2.27 -17.17 -11.10
CA GLU A 254 2.04 -18.42 -10.38
CA GLU A 254 2.11 -18.44 -10.37
C GLU A 254 2.14 -18.24 -8.85
N ASP A 255 2.85 -17.20 -8.40
CA ASP A 255 2.82 -16.91 -6.97
C ASP A 255 1.44 -16.37 -6.57
N ALA A 256 0.77 -15.62 -7.44
CA ALA A 256 -0.60 -15.18 -7.15
C ALA A 256 -1.52 -16.39 -7.07
N ARG A 257 -1.38 -17.31 -8.04
CA ARG A 257 -2.20 -18.51 -8.01
CA ARG A 257 -2.22 -18.49 -8.03
C ARG A 257 -1.94 -19.31 -6.76
N ARG A 258 -0.67 -19.48 -6.42
CA ARG A 258 -0.33 -20.23 -5.21
C ARG A 258 -0.87 -19.55 -3.95
N ALA A 259 -0.86 -18.22 -3.94
CA ALA A 259 -1.43 -17.48 -2.81
C ALA A 259 -2.89 -17.85 -2.59
N VAL A 260 -3.66 -17.94 -3.66
CA VAL A 260 -5.05 -18.33 -3.51
C VAL A 260 -5.14 -19.76 -2.99
N ASP A 261 -4.32 -20.64 -3.55
CA ASP A 261 -4.31 -22.06 -3.13
C ASP A 261 -3.94 -22.19 -1.67
N ALA A 262 -3.08 -21.30 -1.19
CA ALA A 262 -2.59 -21.29 0.18
C ALA A 262 -3.60 -20.71 1.15
N GLY A 263 -4.71 -20.18 0.66
CA GLY A 263 -5.75 -19.69 1.55
C GLY A 263 -5.65 -18.20 1.83
N ALA A 264 -4.84 -17.47 1.06
CA ALA A 264 -4.79 -16.03 1.22
C ALA A 264 -6.11 -15.40 0.86
N GLY A 265 -6.51 -14.41 1.66
CA GLY A 265 -7.70 -13.63 1.34
C GLY A 265 -7.43 -12.48 0.38
N GLY A 266 -6.16 -12.14 0.21
CA GLY A 266 -5.78 -11.09 -0.73
C GLY A 266 -4.30 -11.17 -1.02
N ILE A 267 -3.91 -10.42 -2.04
CA ILE A 267 -2.50 -10.19 -2.34
C ILE A 267 -2.34 -8.71 -2.68
N VAL A 268 -1.14 -8.20 -2.48
CA VAL A 268 -0.79 -6.88 -3.00
C VAL A 268 0.27 -7.09 -4.04
N VAL A 269 -0.07 -6.75 -5.27
CA VAL A 269 0.83 -6.83 -6.39
C VAL A 269 1.75 -5.61 -6.33
N SER A 270 3.04 -5.83 -6.14
CA SER A 270 3.89 -4.80 -5.63
C SER A 270 5.36 -5.14 -5.81
N ASN A 271 6.20 -4.14 -6.12
CA ASN A 271 7.65 -4.33 -6.05
C ASN A 271 8.23 -3.54 -4.89
N HIS A 272 7.39 -3.30 -3.87
CA HIS A 272 7.82 -2.64 -2.63
C HIS A 272 8.31 -1.23 -2.93
N GLY A 273 7.65 -0.54 -3.85
CA GLY A 273 8.01 0.84 -4.13
C GLY A 273 9.39 0.99 -4.70
N GLY A 274 9.89 -0.06 -5.35
CA GLY A 274 11.21 -0.04 -5.95
C GLY A 274 12.33 -0.09 -4.93
N ARG A 275 12.03 -0.56 -3.74
CA ARG A 275 12.98 -0.61 -2.63
C ARG A 275 13.63 -1.96 -2.40
N GLN A 276 13.17 -2.99 -3.10
CA GLN A 276 13.65 -4.34 -2.87
C GLN A 276 14.49 -4.79 -4.08
N LEU A 277 14.00 -5.68 -4.96
CA LEU A 277 14.81 -6.03 -6.13
C LEU A 277 14.84 -4.87 -7.13
N ASP A 278 15.99 -4.28 -7.38
CA ASP A 278 16.13 -3.28 -8.42
C ASP A 278 16.08 -3.97 -9.77
N GLY A 279 15.12 -3.61 -10.60
CA GLY A 279 14.85 -4.37 -11.82
C GLY A 279 13.61 -5.21 -11.73
N ALA A 280 12.98 -5.30 -10.55
CA ALA A 280 11.68 -5.96 -10.46
C ALA A 280 10.63 -5.19 -11.27
N VAL A 281 9.85 -5.93 -12.04
N VAL A 281 9.84 -5.94 -12.03
CA VAL A 281 8.74 -5.38 -12.81
CA VAL A 281 8.70 -5.40 -12.76
C VAL A 281 7.77 -4.60 -11.89
C VAL A 281 7.81 -4.56 -11.85
N PRO A 282 7.24 -3.46 -12.37
CA PRO A 282 6.20 -2.79 -11.58
C PRO A 282 4.96 -3.67 -11.39
N GLY A 283 4.36 -3.59 -10.22
CA GLY A 283 3.14 -4.32 -9.98
C GLY A 283 2.06 -3.99 -11.01
N ILE A 284 1.93 -2.71 -11.37
CA ILE A 284 0.89 -2.31 -12.30
CA ILE A 284 0.91 -2.29 -12.33
C ILE A 284 1.04 -3.03 -13.67
N GLU A 285 2.24 -3.48 -14.03
N GLU A 285 2.25 -3.44 -14.04
CA GLU A 285 2.43 -4.17 -15.31
CA GLU A 285 2.50 -4.18 -15.27
C GLU A 285 2.12 -5.66 -15.20
C GLU A 285 2.00 -5.63 -15.19
N MET A 286 2.01 -6.19 -13.98
CA MET A 286 1.58 -7.58 -13.77
C MET A 286 0.12 -7.71 -13.39
N LEU A 287 -0.51 -6.58 -13.03
CA LEU A 287 -1.81 -6.62 -12.40
C LEU A 287 -2.88 -7.31 -13.24
N GLY A 288 -3.01 -6.95 -14.52
CA GLY A 288 -4.09 -7.52 -15.32
C GLY A 288 -3.94 -9.02 -15.44
N GLU A 289 -2.71 -9.48 -15.66
N GLU A 289 -2.71 -9.48 -15.69
CA GLU A 289 -2.47 -10.90 -15.82
CA GLU A 289 -2.45 -10.92 -15.82
C GLU A 289 -2.76 -11.67 -14.53
C GLU A 289 -2.81 -11.64 -14.53
N ILE A 290 -2.41 -11.04 -13.41
CA ILE A 290 -2.67 -11.64 -12.11
C ILE A 290 -4.16 -11.69 -11.80
N VAL A 291 -4.87 -10.60 -12.11
CA VAL A 291 -6.31 -10.58 -11.87
C VAL A 291 -7.02 -11.68 -12.67
N ALA A 292 -6.62 -11.86 -13.93
CA ALA A 292 -7.18 -12.93 -14.75
C ALA A 292 -6.87 -14.31 -14.16
N ALA A 293 -5.66 -14.51 -13.69
CA ALA A 293 -5.25 -15.82 -13.19
C ALA A 293 -5.94 -16.19 -11.88
N VAL A 294 -6.23 -15.22 -11.01
N VAL A 294 -6.17 -15.15 -11.07
CA VAL A 294 -6.84 -15.64 -9.75
CA VAL A 294 -6.77 -15.29 -9.74
C VAL A 294 -8.34 -15.77 -9.88
C VAL A 294 -8.27 -15.63 -9.85
N SER A 295 -8.91 -15.15 -10.92
CA SER A 295 -10.32 -15.27 -11.25
CA SER A 295 -10.32 -15.39 -11.22
C SER A 295 -11.24 -15.22 -10.02
N GLY A 296 -11.10 -14.14 -9.30
CA GLY A 296 -11.97 -13.84 -8.17
C GLY A 296 -11.66 -14.60 -6.89
N GLY A 297 -10.59 -15.40 -6.88
CA GLY A 297 -10.27 -16.23 -5.73
C GLY A 297 -9.75 -15.49 -4.52
N CYS A 298 -9.28 -14.25 -4.68
CA CYS A 298 -8.87 -13.41 -3.55
C CYS A 298 -8.92 -11.97 -4.03
N GLU A 299 -8.87 -11.04 -3.07
CA GLU A 299 -8.75 -9.62 -3.42
C GLU A 299 -7.38 -9.40 -4.01
N VAL A 300 -7.30 -8.55 -5.04
CA VAL A 300 -6.02 -8.22 -5.64
C VAL A 300 -5.82 -6.72 -5.54
N LEU A 301 -4.90 -6.32 -4.67
CA LEU A 301 -4.53 -4.93 -4.51
C LEU A 301 -3.26 -4.65 -5.28
N VAL A 302 -2.94 -3.38 -5.48
CA VAL A 302 -1.70 -3.02 -6.15
C VAL A 302 -1.16 -1.78 -5.47
N ASP A 303 0.14 -1.60 -5.52
CA ASP A 303 0.70 -0.33 -5.09
C ASP A 303 1.91 -0.01 -5.93
N GLY A 304 2.52 1.14 -5.64
CA GLY A 304 3.68 1.62 -6.35
C GLY A 304 3.33 2.81 -7.20
N GLY A 305 3.61 4.00 -6.71
CA GLY A 305 3.45 5.19 -7.54
C GLY A 305 2.05 5.73 -7.69
N ILE A 306 1.08 5.27 -6.91
CA ILE A 306 -0.26 5.84 -6.99
C ILE A 306 -0.19 7.28 -6.45
N ARG A 307 -0.51 8.27 -7.29
CA ARG A 307 -0.30 9.68 -6.90
C ARG A 307 -1.50 10.57 -7.22
N SER A 308 -2.63 9.97 -7.57
CA SER A 308 -3.84 10.74 -7.84
C SER A 308 -5.05 9.84 -7.91
N GLY A 309 -6.23 10.44 -7.88
CA GLY A 309 -7.45 9.69 -8.10
C GLY A 309 -7.48 9.06 -9.49
N GLY A 310 -6.89 9.73 -10.49
CA GLY A 310 -6.80 9.15 -11.80
C GLY A 310 -5.96 7.89 -11.80
N ASP A 311 -4.90 7.86 -10.99
CA ASP A 311 -4.09 6.65 -10.87
C ASP A 311 -4.89 5.54 -10.21
N VAL A 312 -5.71 5.87 -9.21
CA VAL A 312 -6.59 4.88 -8.60
C VAL A 312 -7.53 4.32 -9.65
N LEU A 313 -8.08 5.18 -10.50
CA LEU A 313 -8.96 4.72 -11.54
C LEU A 313 -8.22 3.78 -12.49
N LYS A 314 -7.00 4.12 -12.87
CA LYS A 314 -6.23 3.22 -13.76
C LYS A 314 -6.07 1.86 -13.12
N ALA A 315 -5.69 1.84 -11.85
CA ALA A 315 -5.48 0.58 -11.15
C ALA A 315 -6.75 -0.24 -11.12
N THR A 316 -7.88 0.40 -10.83
CA THR A 316 -9.17 -0.25 -10.79
CA THR A 316 -9.13 -0.36 -10.78
C THR A 316 -9.52 -0.82 -12.17
N ALA A 317 -9.28 0.00 -13.21
CA ALA A 317 -9.61 -0.43 -14.58
C ALA A 317 -8.77 -1.62 -15.02
N LEU A 318 -7.56 -1.74 -14.46
CA LEU A 318 -6.71 -2.92 -14.71
C LEU A 318 -7.13 -4.12 -13.85
N GLY A 319 -8.07 -3.93 -12.95
CA GLY A 319 -8.64 -5.03 -12.21
C GLY A 319 -8.43 -5.02 -10.70
N ALA A 320 -7.70 -4.03 -10.18
CA ALA A 320 -7.43 -4.01 -8.74
C ALA A 320 -8.71 -3.84 -7.93
N SER A 321 -8.75 -4.51 -6.79
CA SER A 321 -9.77 -4.32 -5.77
C SER A 321 -9.62 -2.98 -5.05
N ALA A 322 -8.37 -2.59 -4.87
CA ALA A 322 -7.98 -1.41 -4.12
C ALA A 322 -6.52 -1.19 -4.32
N VAL A 323 -6.06 0.00 -3.92
CA VAL A 323 -4.65 0.33 -4.00
C VAL A 323 -4.12 0.58 -2.60
N LEU A 324 -2.80 0.52 -2.44
CA LEU A 324 -2.15 1.12 -1.27
C LEU A 324 -1.43 2.37 -1.72
N VAL A 325 -1.33 3.34 -0.81
CA VAL A 325 -0.58 4.57 -1.04
C VAL A 325 0.43 4.74 0.09
N GLY A 326 1.71 4.87 -0.24
CA GLY A 326 2.77 4.96 0.74
C GLY A 326 3.37 6.34 0.87
N ARG A 327 4.36 6.63 0.03
CA ARG A 327 5.10 7.89 0.19
C ARG A 327 4.22 9.16 0.30
N PRO A 328 3.18 9.32 -0.51
CA PRO A 328 2.41 10.56 -0.38
C PRO A 328 1.80 10.76 1.00
N VAL A 329 1.42 9.69 1.67
CA VAL A 329 0.82 9.82 3.01
C VAL A 329 1.92 10.35 3.94
N MET A 330 3.16 9.91 3.77
CA MET A 330 4.25 10.42 4.59
C MET A 330 4.62 11.85 4.25
N TRP A 331 4.48 12.26 2.98
CA TRP A 331 4.70 13.68 2.63
C TRP A 331 3.73 14.53 3.42
N ALA A 332 2.47 14.12 3.44
CA ALA A 332 1.41 14.88 4.10
C ALA A 332 1.68 14.93 5.60
N LEU A 333 2.08 13.80 6.19
CA LEU A 333 2.44 13.72 7.60
C LEU A 333 3.59 14.66 7.95
N ALA A 334 4.63 14.65 7.14
CA ALA A 334 5.80 15.51 7.37
C ALA A 334 5.41 16.97 7.25
N ALA A 335 4.57 17.29 6.27
CA ALA A 335 4.25 18.67 5.95
C ALA A 335 3.34 19.29 7.00
N ALA A 336 2.40 18.53 7.54
CA ALA A 336 1.36 19.13 8.37
C ALA A 336 0.68 18.17 9.33
N GLY A 337 1.34 17.06 9.66
CA GLY A 337 0.83 16.18 10.70
C GLY A 337 -0.51 15.54 10.36
N GLN A 338 -1.34 15.31 11.37
CA GLN A 338 -2.63 14.71 11.15
C GLN A 338 -3.47 15.50 10.16
N ASP A 339 -3.48 16.82 10.29
CA ASP A 339 -4.25 17.66 9.39
CA ASP A 339 -4.29 17.63 9.39
C ASP A 339 -3.77 17.53 7.96
N GLY A 340 -2.46 17.37 7.78
CA GLY A 340 -1.91 17.17 6.46
C GLY A 340 -2.43 15.87 5.85
N VAL A 341 -2.38 14.80 6.63
CA VAL A 341 -2.90 13.53 6.11
C VAL A 341 -4.39 13.64 5.80
N ARG A 342 -5.16 14.30 6.67
CA ARG A 342 -6.57 14.55 6.38
C ARG A 342 -6.76 15.26 5.04
N GLN A 343 -5.98 16.30 4.80
CA GLN A 343 -6.12 17.05 3.55
C GLN A 343 -5.78 16.16 2.34
N LEU A 344 -4.75 15.34 2.49
CA LEU A 344 -4.37 14.43 1.39
C LEU A 344 -5.50 13.47 1.09
N LEU A 345 -6.10 12.89 2.12
CA LEU A 345 -7.12 11.90 1.89
C LEU A 345 -8.40 12.54 1.34
N GLU A 346 -8.70 13.77 1.76
CA GLU A 346 -9.84 14.48 1.19
C GLU A 346 -9.60 14.77 -0.29
N LEU A 347 -8.38 15.16 -0.62
CA LEU A 347 -8.02 15.44 -2.02
C LEU A 347 -8.12 14.16 -2.84
N LEU A 348 -7.56 13.07 -2.33
CA LEU A 348 -7.64 11.81 -3.05
C LEU A 348 -9.10 11.39 -3.22
N ALA A 349 -9.92 11.54 -2.18
CA ALA A 349 -11.32 11.21 -2.30
C ALA A 349 -12.01 12.02 -3.38
N GLU A 350 -11.73 13.31 -3.43
CA GLU A 350 -12.33 14.14 -4.45
C GLU A 350 -11.85 13.71 -5.85
N GLU A 351 -10.55 13.44 -5.99
CA GLU A 351 -10.02 13.05 -7.28
C GLU A 351 -10.59 11.69 -7.72
N VAL A 352 -10.78 10.77 -6.79
CA VAL A 352 -11.33 9.46 -7.17
C VAL A 352 -12.78 9.60 -7.64
N ARG A 353 -13.59 10.35 -6.90
N ARG A 353 -13.58 10.35 -6.90
CA ARG A 353 -14.96 10.59 -7.32
CA ARG A 353 -14.95 10.61 -7.29
C ARG A 353 -15.03 11.27 -8.69
C ARG A 353 -15.03 11.29 -8.66
N ASP A 354 -14.19 12.29 -8.85
CA ASP A 354 -14.11 13.02 -10.14
C ASP A 354 -13.78 12.07 -11.28
N ALA A 355 -12.72 11.28 -11.11
CA ALA A 355 -12.27 10.40 -12.19
C ALA A 355 -13.32 9.35 -12.50
N MET A 356 -13.92 8.77 -11.45
CA MET A 356 -14.94 7.78 -11.68
C MET A 356 -16.11 8.32 -12.46
N GLY A 357 -16.62 9.50 -12.09
CA GLY A 357 -17.78 10.02 -12.77
C GLY A 357 -17.47 10.44 -14.19
N LEU A 358 -16.32 11.06 -14.38
CA LEU A 358 -15.93 11.46 -15.73
C LEU A 358 -15.80 10.23 -16.60
N ALA A 359 -15.43 9.08 -16.02
CA ALA A 359 -15.33 7.81 -16.76
C ALA A 359 -16.62 7.01 -16.81
N GLY A 360 -17.72 7.59 -16.30
CA GLY A 360 -19.01 6.96 -16.40
C GLY A 360 -19.26 5.84 -15.40
N CYS A 361 -18.59 5.92 -14.28
CA CYS A 361 -18.67 4.85 -13.28
C CYS A 361 -19.34 5.28 -11.99
N GLU A 362 -20.48 4.68 -11.68
CA GLU A 362 -21.21 5.04 -10.48
C GLU A 362 -20.70 4.24 -9.29
N SER A 363 -19.88 3.22 -9.55
CA SER A 363 -19.34 2.37 -8.50
C SER A 363 -17.96 1.90 -8.86
N VAL A 364 -17.19 1.44 -7.88
CA VAL A 364 -15.88 0.88 -8.16
C VAL A 364 -15.99 -0.38 -9.03
N GLY A 365 -17.05 -1.17 -8.86
CA GLY A 365 -17.20 -2.34 -9.72
C GLY A 365 -17.31 -1.94 -11.19
N ALA A 366 -18.04 -0.86 -11.49
CA ALA A 366 -18.10 -0.36 -12.85
C ALA A 366 -16.72 0.10 -13.34
N ALA A 367 -15.94 0.75 -12.49
CA ALA A 367 -14.61 1.16 -12.86
C ALA A 367 -13.72 -0.05 -13.20
N ARG A 368 -13.88 -1.18 -12.50
CA ARG A 368 -13.10 -2.38 -12.84
C ARG A 368 -13.44 -2.90 -14.24
N ARG A 369 -14.63 -2.57 -14.77
CA ARG A 369 -15.04 -3.03 -16.11
C ARG A 369 -14.61 -2.07 -17.21
N LEU A 370 -13.98 -0.95 -16.85
CA LEU A 370 -13.42 -0.06 -17.87
C LEU A 370 -12.31 -0.76 -18.61
N ASN A 371 -12.18 -0.40 -19.89
CA ASN A 371 -11.04 -0.81 -20.68
C ASN A 371 -9.95 0.26 -20.68
N THR A 372 -8.74 -0.17 -20.98
CA THR A 372 -7.58 0.68 -21.02
C THR A 372 -6.84 0.48 -22.33
N LYS A 373 -5.92 1.39 -22.61
N LYS A 373 -5.97 1.44 -22.61
CA LYS A 373 -5.09 1.30 -23.81
CA LYS A 373 -5.06 1.38 -23.75
C LYS A 373 -3.72 1.85 -23.47
C LYS A 373 -3.67 1.73 -23.24
N LEU A 374 -2.66 1.06 -23.74
CA LEU A 374 -1.31 1.45 -23.38
C LEU A 374 -0.75 2.44 -24.39
N GLY A 375 -0.17 3.53 -23.91
CA GLY A 375 0.37 4.55 -24.79
C GLY A 375 1.89 4.54 -24.81
N VAL A 376 2.48 5.60 -25.37
CA VAL A 376 3.93 5.75 -25.38
C VAL A 376 4.33 7.08 -24.74
N1 FMN B . 6.28 -2.14 3.20
C2 FMN B . 6.07 -3.13 4.13
O2 FMN B . 5.46 -4.16 3.84
N3 FMN B . 6.54 -2.94 5.42
C4 FMN B . 7.22 -1.84 5.79
O4 FMN B . 7.64 -1.72 6.99
C4A FMN B . 7.42 -0.82 4.86
N5 FMN B . 8.10 0.32 5.17
C5A FMN B . 8.28 1.29 4.21
C6 FMN B . 8.97 2.45 4.53
C7 FMN B . 9.13 3.46 3.60
C7M FMN B . 9.86 4.74 3.98
C8 FMN B . 8.63 3.29 2.31
C8M FMN B . 8.80 4.35 1.27
C9 FMN B . 7.95 2.12 1.98
C9A FMN B . 7.78 1.12 2.91
N10 FMN B . 7.11 -0.05 2.61
C10 FMN B . 6.94 -1.02 3.54
C1' FMN B . 6.56 -0.29 1.22
C2' FMN B . 5.19 0.35 1.06
O2' FMN B . 4.23 -0.36 1.81
C3' FMN B . 4.76 0.39 -0.42
O3' FMN B . 4.79 -0.95 -0.92
C4' FMN B . 5.65 1.25 -1.30
O4' FMN B . 5.99 2.46 -0.63
C5' FMN B . 5.09 1.56 -2.69
O5' FMN B . 4.10 2.52 -2.62
P FMN B . 4.34 4.14 -2.93
O1P FMN B . 5.27 4.66 -1.82
O2P FMN B . 4.94 4.41 -4.27
O3P FMN B . 2.93 4.65 -2.80
OAM 9NL C . 12.11 0.64 4.29
CAI 9NL C . 11.41 -0.35 3.89
OAN 9NL C . 11.18 -0.49 2.66
CAH 9NL C . 10.86 -1.32 4.90
OAJ 9NL C . 9.93 -2.18 4.29
CAG 9NL C . 11.99 -2.17 5.47
FAK 9NL C . 12.64 -2.81 4.47
FAL 9NL C . 11.46 -3.11 6.27
CAE 9NL C . 12.96 -1.31 6.23
CAD 9NL C . 14.20 -1.04 5.68
CAC 9NL C . 15.09 -0.24 6.39
CAB 9NL C . 14.73 0.28 7.63
CAA 9NL C . 13.48 0.01 8.17
CAF 9NL C . 12.58 -0.79 7.46
#